data_6J5B
#
_entry.id   6J5B
#
_cell.length_a   53.581
_cell.length_b   53.581
_cell.length_c   98.884
_cell.angle_alpha   91.470
_cell.angle_beta   91.470
_cell.angle_gamma   94.790
#
_symmetry.space_group_name_H-M   'P 1'
#
loop_
_entity.id
_entity.type
_entity.pdbx_description
1 polymer 'Protein PHOSPHATE STARVATION RESPONSE 1'
2 polymer "DNA (5'-D(*GP*GP*TP*AP*CP*AP*GP*TP*AP*TP*AP*TP*AP*CP*CP*AP*TP*AP*AP*A)-3')"
3 polymer "DNA (5'-D(*TP*TP*TP*AP*TP*GP*GP*TP*AP*TP*AP*TP*AP*CP*TP*GP*TP*AP*CP*C)-3')"
#
loop_
_entity_poly.entity_id
_entity_poly.type
_entity_poly.pdbx_seq_one_letter_code
_entity_poly.pdbx_strand_id
1 'polypeptide(L)' GKARMRWTPELHEAFVEAVNSLGGSERATPKGVLKIMKVEGLTIYHVKSHLQKYRTARYR A,C,D,F,H,J
2 'polydeoxyribonucleotide' (DG)(DG)(DT)(DA)(DC)(DA)(DG)(DT)(DA)(DT)(DA)(DT)(DA)(DC)(DC)(DA)(DT)(DA)(DA)(DA) B,E,I
3 'polydeoxyribonucleotide' (DT)(DT)(DT)(DA)(DT)(DG)(DG)(DT)(DA)(DT)(DA)(DT)(DA)(DC)(DT)(DG)(DT)(DA)(DC)(DC) G,K,U
#
loop_
_chem_comp.id
_chem_comp.type
_chem_comp.name
_chem_comp.formula
DA DNA linking 2'-DEOXYADENOSINE-5'-MONOPHOSPHATE 'C10 H14 N5 O6 P'
DC DNA linking 2'-DEOXYCYTIDINE-5'-MONOPHOSPHATE 'C9 H14 N3 O7 P'
DG DNA linking 2'-DEOXYGUANOSINE-5'-MONOPHOSPHATE 'C10 H14 N5 O7 P'
DT DNA linking THYMIDINE-5'-MONOPHOSPHATE 'C10 H15 N2 O8 P'
#
# COMPACT_ATOMS: atom_id res chain seq x y z
N ALA A 3 1.91 -3.78 12.41
CA ALA A 3 1.13 -2.70 13.05
C ALA A 3 1.51 -1.37 12.40
N ARG A 4 0.73 -0.35 12.69
CA ARG A 4 1.02 1.02 12.27
C ARG A 4 1.47 1.84 13.46
N MET A 5 2.61 2.51 13.27
CA MET A 5 3.26 3.31 14.29
C MET A 5 2.41 4.53 14.64
N ARG A 6 2.38 4.90 15.92
CA ARG A 6 1.72 6.11 16.35
C ARG A 6 2.74 6.97 17.09
N TRP A 7 2.95 8.21 16.61
CA TRP A 7 3.89 9.14 17.21
C TRP A 7 3.30 9.80 18.46
N THR A 8 3.20 9.05 19.55
CA THR A 8 2.76 9.52 20.85
C THR A 8 3.64 10.66 21.32
N PRO A 9 3.13 11.61 22.14
CA PRO A 9 3.89 12.80 22.51
C PRO A 9 5.22 12.55 23.23
N GLU A 10 5.42 11.30 23.70
CA GLU A 10 6.67 10.92 24.33
C GLU A 10 7.69 10.59 23.25
N LEU A 11 7.33 9.60 22.42
CA LEU A 11 8.08 9.22 21.23
C LEU A 11 8.53 10.45 20.45
N HIS A 12 7.63 11.42 20.28
CA HIS A 12 7.96 12.62 19.54
C HIS A 12 8.99 13.45 20.31
N GLU A 13 8.88 13.45 21.64
CA GLU A 13 9.79 14.26 22.44
C GLU A 13 11.17 13.62 22.37
N ALA A 14 11.22 12.29 22.30
CA ALA A 14 12.46 11.55 22.11
C ALA A 14 13.11 11.96 20.80
N PHE A 15 12.34 11.78 19.72
CA PHE A 15 12.66 12.15 18.36
C PHE A 15 13.22 13.58 18.27
N VAL A 16 12.65 14.50 19.04
CA VAL A 16 13.08 15.88 18.94
C VAL A 16 14.44 16.07 19.60
N GLU A 17 14.54 15.67 20.87
CA GLU A 17 15.81 15.68 21.59
C GLU A 17 16.90 15.10 20.71
N ALA A 18 16.62 13.95 20.09
CA ALA A 18 17.55 13.30 19.18
C ALA A 18 18.02 14.27 18.09
N VAL A 19 17.05 14.84 17.38
CA VAL A 19 17.30 15.71 16.27
C VAL A 19 18.09 16.94 16.73
N ASN A 20 17.83 17.40 17.96
CA ASN A 20 18.54 18.54 18.50
C ASN A 20 20.01 18.16 18.75
N SER A 21 20.22 17.03 19.40
CA SER A 21 21.57 16.54 19.66
C SER A 21 22.32 16.50 18.33
N LEU A 22 21.64 16.05 17.28
CA LEU A 22 22.26 15.94 15.98
C LEU A 22 22.45 17.32 15.32
N GLY A 23 21.99 18.38 15.98
CA GLY A 23 22.22 19.74 15.51
C GLY A 23 21.16 20.22 14.50
N GLY A 24 19.87 20.04 14.82
CA GLY A 24 18.81 20.56 13.98
C GLY A 24 18.32 19.56 12.94
N SER A 25 17.10 19.78 12.45
CA SER A 25 16.42 18.89 11.52
C SER A 25 17.17 18.73 10.21
N GLU A 26 17.85 19.80 9.77
CA GLU A 26 18.45 19.73 8.46
C GLU A 26 19.70 18.86 8.50
N ARG A 27 20.48 19.04 9.57
CA ARG A 27 21.71 18.32 9.78
C ARG A 27 21.47 16.84 10.07
N ALA A 28 20.40 16.55 10.81
CA ALA A 28 20.08 15.23 11.32
C ALA A 28 19.78 14.25 10.19
N THR A 29 20.02 12.96 10.46
CA THR A 29 19.78 11.93 9.47
C THR A 29 18.85 10.86 10.03
N PRO A 30 18.06 10.17 9.18
CA PRO A 30 17.15 9.13 9.68
C PRO A 30 17.90 8.15 10.56
N LYS A 31 18.92 7.50 9.96
CA LYS A 31 19.69 6.49 10.66
C LYS A 31 20.24 7.05 11.98
N GLY A 32 20.76 8.27 11.96
CA GLY A 32 21.26 8.91 13.16
C GLY A 32 20.20 9.03 14.25
N VAL A 33 19.03 9.56 13.89
CA VAL A 33 17.97 9.69 14.86
C VAL A 33 17.63 8.30 15.38
N LEU A 34 17.54 7.33 14.46
CA LEU A 34 17.16 5.97 14.82
C LEU A 34 18.04 5.48 15.96
N LYS A 35 19.36 5.57 15.76
CA LYS A 35 20.34 4.99 16.66
C LYS A 35 20.38 5.74 17.99
N ILE A 36 19.97 7.01 18.00
CA ILE A 36 19.98 7.73 19.26
C ILE A 36 18.75 7.37 20.08
N MET A 37 17.65 7.03 19.43
CA MET A 37 16.41 6.78 20.16
C MET A 37 16.45 5.39 20.77
N LYS A 38 17.03 4.44 20.02
CA LYS A 38 17.18 3.04 20.42
C LYS A 38 15.84 2.51 20.95
N VAL A 39 14.82 2.51 20.09
CA VAL A 39 13.50 2.11 20.52
C VAL A 39 13.13 0.83 19.79
N GLU A 40 12.81 -0.21 20.59
CA GLU A 40 12.47 -1.54 20.10
C GLU A 40 11.39 -1.40 19.05
N GLY A 41 11.62 -2.02 17.88
CA GLY A 41 10.60 -2.13 16.85
C GLY A 41 10.46 -0.90 15.97
N LEU A 42 11.22 0.16 16.26
CA LEU A 42 11.23 1.36 15.43
C LEU A 42 12.16 1.16 14.25
N THR A 43 11.63 1.28 13.04
CA THR A 43 12.42 1.10 11.84
C THR A 43 12.96 2.45 11.34
N ILE A 44 13.96 2.39 10.46
CA ILE A 44 14.47 3.59 9.81
C ILE A 44 13.34 4.27 9.04
N TYR A 45 12.46 3.47 8.43
CA TYR A 45 11.39 3.97 7.57
C TYR A 45 10.38 4.76 8.38
N HIS A 46 10.23 4.42 9.65
CA HIS A 46 9.37 5.18 10.55
C HIS A 46 9.94 6.57 10.73
N VAL A 47 11.22 6.63 11.04
CA VAL A 47 11.88 7.88 11.34
C VAL A 47 11.96 8.76 10.09
N LYS A 48 12.28 8.15 8.95
CA LYS A 48 12.47 8.87 7.70
C LYS A 48 11.23 9.70 7.39
N SER A 49 10.07 9.05 7.38
CA SER A 49 8.82 9.70 7.03
C SER A 49 8.52 10.85 7.98
N HIS A 50 8.76 10.60 9.28
CA HIS A 50 8.36 11.53 10.32
C HIS A 50 9.28 12.75 10.30
N LEU A 51 10.57 12.51 10.06
CA LEU A 51 11.53 13.60 9.96
C LEU A 51 11.16 14.49 8.77
N GLN A 52 10.59 13.87 7.73
CA GLN A 52 10.22 14.62 6.54
C GLN A 52 9.14 15.63 6.87
N LYS A 53 8.19 15.22 7.72
CA LYS A 53 7.13 16.10 8.16
C LYS A 53 7.71 17.15 9.11
N TYR A 54 8.48 16.69 10.10
CA TYR A 54 9.07 17.58 11.09
C TYR A 54 9.85 18.68 10.39
N ARG A 55 10.47 18.34 9.26
CA ARG A 55 11.35 19.30 8.60
C ARG A 55 10.51 20.38 7.96
N THR A 56 9.34 20.00 7.42
CA THR A 56 8.55 20.96 6.68
C THR A 56 7.73 21.80 7.65
N ALA A 57 7.27 21.23 8.76
CA ALA A 57 6.47 22.01 9.70
C ALA A 57 7.36 22.83 10.64
N ARG A 58 8.65 22.93 10.35
CA ARG A 58 9.59 23.77 11.07
C ARG A 58 10.04 24.91 10.14
N TYR A 59 10.94 24.57 9.20
CA TYR A 59 11.58 25.45 8.23
C TYR A 59 11.08 25.12 6.81
N GLY C 1 -57.42 9.16 -5.89
CA GLY C 1 -58.54 8.43 -5.20
C GLY C 1 -58.12 7.04 -4.72
N LYS C 2 -58.51 6.72 -3.47
CA LYS C 2 -58.40 5.39 -2.88
C LYS C 2 -59.76 4.71 -2.82
N ALA C 3 -59.79 3.39 -3.10
CA ALA C 3 -60.96 2.54 -2.91
C ALA C 3 -61.08 2.15 -1.43
N ARG C 4 -62.25 1.62 -1.05
CA ARG C 4 -62.51 1.29 0.33
C ARG C 4 -62.59 -0.22 0.48
N MET C 5 -61.75 -0.78 1.35
CA MET C 5 -61.65 -2.19 1.61
C MET C 5 -62.92 -2.65 2.35
N ARG C 6 -63.36 -3.88 2.09
CA ARG C 6 -64.45 -4.46 2.86
C ARG C 6 -63.98 -5.73 3.54
N TRP C 7 -64.10 -5.77 4.87
CA TRP C 7 -63.68 -6.93 5.66
C TRP C 7 -64.75 -8.04 5.61
N THR C 8 -64.81 -8.72 4.48
CA THR C 8 -65.64 -9.89 4.27
C THR C 8 -65.31 -10.97 5.29
N PRO C 9 -66.29 -11.82 5.68
CA PRO C 9 -66.07 -12.82 6.73
C PRO C 9 -64.93 -13.81 6.53
N GLU C 10 -64.42 -13.88 5.29
CA GLU C 10 -63.30 -14.73 4.96
C GLU C 10 -62.02 -14.01 5.36
N LEU C 11 -61.82 -12.83 4.74
CA LEU C 11 -60.73 -11.93 5.08
C LEU C 11 -60.57 -11.80 6.59
N HIS C 12 -61.69 -11.65 7.31
CA HIS C 12 -61.63 -11.51 8.75
C HIS C 12 -61.13 -12.80 9.39
N GLU C 13 -61.53 -13.94 8.82
CA GLU C 13 -61.15 -15.21 9.41
C GLU C 13 -59.66 -15.42 9.20
N ALA C 14 -59.15 -14.93 8.06
CA ALA C 14 -57.72 -14.96 7.76
C ALA C 14 -56.96 -14.16 8.81
N PHE C 15 -57.38 -12.88 8.90
CA PHE C 15 -56.91 -11.90 9.87
C PHE C 15 -56.86 -12.46 11.29
N VAL C 16 -57.85 -13.25 11.67
CA VAL C 16 -57.92 -13.75 13.03
C VAL C 16 -56.86 -14.84 13.24
N GLU C 17 -56.92 -15.88 12.40
CA GLU C 17 -55.93 -16.94 12.41
C GLU C 17 -54.53 -16.34 12.51
N ALA C 18 -54.27 -15.32 11.67
CA ALA C 18 -53.00 -14.62 11.67
C ALA C 18 -52.65 -14.12 13.07
N VAL C 19 -53.58 -13.33 13.63
CA VAL C 19 -53.41 -12.70 14.92
C VAL C 19 -53.19 -13.76 16.01
N ASN C 20 -53.86 -14.91 15.86
CA ASN C 20 -53.70 -15.99 16.82
C ASN C 20 -52.28 -16.57 16.73
N SER C 21 -51.84 -16.86 15.51
CA SER C 21 -50.50 -17.35 15.27
C SER C 21 -49.51 -16.42 15.96
N LEU C 22 -49.76 -15.12 15.83
CA LEU C 22 -48.88 -14.14 16.39
C LEU C 22 -49.04 -14.03 17.91
N GLY C 23 -49.95 -14.83 18.49
CA GLY C 23 -50.11 -14.91 19.94
C GLY C 23 -51.01 -13.82 20.53
N GLY C 24 -52.20 -13.62 19.94
CA GLY C 24 -53.15 -12.66 20.47
C GLY C 24 -52.99 -11.25 19.91
N SER C 25 -54.07 -10.47 20.01
CA SER C 25 -54.19 -9.15 19.43
C SER C 25 -53.15 -8.18 19.97
N GLU C 26 -52.82 -8.30 21.26
CA GLU C 26 -51.89 -7.31 21.86
C GLU C 26 -50.48 -7.54 21.35
N ARG C 27 -50.10 -8.80 21.24
CA ARG C 27 -48.76 -9.19 20.83
C ARG C 27 -48.55 -8.90 19.34
N ALA C 28 -49.60 -9.13 18.54
CA ALA C 28 -49.55 -9.04 17.09
C ALA C 28 -49.24 -7.63 16.61
N THR C 29 -48.67 -7.53 15.41
CA THR C 29 -48.37 -6.22 14.83
C THR C 29 -49.02 -6.10 13.46
N PRO C 30 -49.33 -4.88 12.99
CA PRO C 30 -49.93 -4.70 11.67
C PRO C 30 -49.09 -5.42 10.63
N LYS C 31 -47.81 -5.03 10.53
CA LYS C 31 -46.93 -5.58 9.51
C LYS C 31 -46.89 -7.10 9.61
N GLY C 32 -46.82 -7.64 10.82
CA GLY C 32 -46.83 -9.09 11.03
C GLY C 32 -48.07 -9.75 10.46
N VAL C 33 -49.24 -9.20 10.81
CA VAL C 33 -50.47 -9.76 10.29
C VAL C 33 -50.42 -9.68 8.77
N LEU C 34 -50.00 -8.52 8.25
CA LEU C 34 -49.96 -8.29 6.82
C LEU C 34 -49.23 -9.43 6.13
N LYS C 35 -48.02 -9.71 6.59
CA LYS C 35 -47.12 -10.66 5.95
C LYS C 35 -47.63 -12.09 6.07
N ILE C 36 -48.42 -12.37 7.10
CA ILE C 36 -48.93 -13.72 7.25
C ILE C 36 -50.12 -13.93 6.31
N MET C 37 -50.87 -12.87 6.01
CA MET C 37 -52.09 -13.02 5.22
C MET C 37 -51.71 -13.13 3.75
N LYS C 38 -50.70 -12.36 3.34
CA LYS C 38 -50.20 -12.31 1.97
C LYS C 38 -51.34 -12.16 0.99
N VAL C 39 -52.10 -11.06 1.10
CA VAL C 39 -53.27 -10.88 0.26
C VAL C 39 -53.01 -9.69 -0.67
N GLU C 40 -53.14 -9.95 -1.97
CA GLU C 40 -52.88 -9.00 -3.02
C GLU C 40 -53.68 -7.73 -2.73
N GLY C 41 -53.00 -6.58 -2.75
CA GLY C 41 -53.66 -5.29 -2.67
C GLY C 41 -54.01 -4.85 -1.25
N LEU C 42 -53.73 -5.69 -0.25
CA LEU C 42 -53.95 -5.35 1.15
C LEU C 42 -52.76 -4.54 1.65
N THR C 43 -53.02 -3.32 2.13
CA THR C 43 -51.97 -2.46 2.64
C THR C 43 -51.81 -2.62 4.14
N ILE C 44 -50.69 -2.14 4.68
CA ILE C 44 -50.48 -2.11 6.11
C ILE C 44 -51.58 -1.28 6.78
N TYR C 45 -52.00 -0.19 6.11
CA TYR C 45 -52.96 0.76 6.67
C TYR C 45 -54.33 0.12 6.80
N HIS C 46 -54.63 -0.84 5.94
CA HIS C 46 -55.87 -1.59 6.05
C HIS C 46 -55.85 -2.39 7.35
N VAL C 47 -54.75 -3.12 7.56
CA VAL C 47 -54.64 -4.01 8.69
C VAL C 47 -54.59 -3.22 10.00
N LYS C 48 -53.84 -2.11 10.00
CA LYS C 48 -53.63 -1.31 11.19
C LYS C 48 -54.98 -0.90 11.78
N SER C 49 -55.83 -0.30 10.94
CA SER C 49 -57.10 0.23 11.39
C SER C 49 -57.96 -0.89 11.95
N HIS C 50 -57.96 -2.03 11.26
CA HIS C 50 -58.85 -3.12 11.59
C HIS C 50 -58.40 -3.82 12.87
N LEU C 51 -57.08 -3.95 13.04
CA LEU C 51 -56.53 -4.52 14.26
C LEU C 51 -56.91 -3.62 15.45
N GLN C 52 -56.98 -2.31 15.20
CA GLN C 52 -57.30 -1.39 16.26
C GLN C 52 -58.72 -1.64 16.78
N LYS C 53 -59.63 -1.96 15.86
CA LYS C 53 -60.99 -2.28 16.20
C LYS C 53 -61.02 -3.64 16.89
N TYR C 54 -60.40 -4.63 16.25
CA TYR C 54 -60.36 -5.98 16.80
C TYR C 54 -59.87 -5.96 18.23
N ARG C 55 -58.93 -5.06 18.52
CA ARG C 55 -58.30 -5.04 19.83
C ARG C 55 -59.30 -4.54 20.85
N THR C 56 -60.12 -3.55 20.47
CA THR C 56 -61.01 -2.93 21.43
C THR C 56 -62.26 -3.78 21.60
N ALA C 57 -62.73 -4.42 20.53
CA ALA C 57 -63.95 -5.20 20.63
C ALA C 57 -63.66 -6.62 21.14
N ARG C 58 -62.45 -6.82 21.69
CA ARG C 58 -62.07 -8.06 22.35
C ARG C 58 -61.96 -7.84 23.86
N TYR C 59 -60.87 -7.22 24.33
CA TYR C 59 -60.72 -6.94 25.75
C TYR C 59 -60.77 -5.43 26.00
N ALA D 3 -1.71 3.28 -12.57
CA ALA D 3 -0.41 3.96 -12.69
C ALA D 3 -0.14 4.73 -11.41
N ARG D 4 1.06 5.29 -11.30
CA ARG D 4 1.38 6.29 -10.29
C ARG D 4 1.48 7.66 -10.96
N MET D 5 0.75 8.61 -10.39
CA MET D 5 0.55 9.94 -10.95
C MET D 5 1.87 10.71 -10.87
N ARG D 6 2.14 11.53 -11.90
CA ARG D 6 3.29 12.41 -11.89
C ARG D 6 2.81 13.84 -12.08
N TRP D 7 3.14 14.69 -11.10
CA TRP D 7 2.76 16.11 -11.16
C TRP D 7 3.70 16.89 -12.08
N THR D 8 3.55 16.69 -13.40
CA THR D 8 4.27 17.41 -14.42
C THR D 8 4.02 18.92 -14.29
N PRO D 9 4.98 19.79 -14.67
CA PRO D 9 4.84 21.23 -14.45
C PRO D 9 3.61 21.90 -15.07
N GLU D 10 2.93 21.19 -15.97
CA GLU D 10 1.70 21.68 -16.57
C GLU D 10 0.55 21.41 -15.62
N LEU D 11 0.36 20.12 -15.32
CA LEU D 11 -0.60 19.65 -14.33
C LEU D 11 -0.53 20.50 -13.06
N HIS D 12 0.68 20.81 -12.61
CA HIS D 12 0.84 21.60 -11.39
C HIS D 12 0.37 23.03 -11.64
N GLU D 13 0.59 23.55 -12.85
CA GLU D 13 0.21 24.92 -13.14
C GLU D 13 -1.31 24.99 -13.20
N ALA D 14 -1.95 23.91 -13.68
CA ALA D 14 -3.39 23.80 -13.70
C ALA D 14 -3.92 23.86 -12.27
N PHE D 15 -3.42 22.93 -11.46
CA PHE D 15 -3.68 22.79 -10.04
C PHE D 15 -3.58 24.13 -9.31
N VAL D 16 -2.58 24.94 -9.68
CA VAL D 16 -2.36 26.19 -8.95
C VAL D 16 -3.43 27.21 -9.33
N GLU D 17 -3.56 27.47 -10.64
CA GLU D 17 -4.61 28.34 -11.15
C GLU D 17 -5.93 27.99 -10.49
N ALA D 18 -6.25 26.69 -10.44
CA ALA D 18 -7.45 26.20 -9.79
C ALA D 18 -7.56 26.72 -8.37
N VAL D 19 -6.52 26.45 -7.58
CA VAL D 19 -6.47 26.80 -6.18
C VAL D 19 -6.59 28.31 -6.01
N ASN D 20 -6.03 29.07 -6.95
CA ASN D 20 -6.12 30.52 -6.89
C ASN D 20 -7.55 30.96 -7.12
N SER D 21 -8.18 30.43 -8.17
CA SER D 21 -9.57 30.73 -8.46
C SER D 21 -10.39 30.49 -7.20
N LEU D 22 -10.08 29.39 -6.51
CA LEU D 22 -10.82 29.03 -5.32
C LEU D 22 -10.45 29.94 -4.14
N GLY D 23 -9.51 30.86 -4.34
CA GLY D 23 -9.16 31.85 -3.32
C GLY D 23 -8.13 31.36 -2.32
N GLY D 24 -7.01 30.78 -2.80
CA GLY D 24 -5.91 30.37 -1.95
C GLY D 24 -6.04 28.93 -1.47
N SER D 25 -4.90 28.37 -1.06
CA SER D 25 -4.75 26.98 -0.65
C SER D 25 -5.63 26.62 0.54
N GLU D 26 -5.84 27.58 1.45
CA GLU D 26 -6.53 27.24 2.67
C GLU D 26 -8.03 27.10 2.39
N ARG D 27 -8.53 28.02 1.57
CA ARG D 27 -9.94 28.09 1.21
C ARG D 27 -10.32 26.91 0.31
N ALA D 28 -9.40 26.52 -0.60
CA ALA D 28 -9.66 25.55 -1.65
C ALA D 28 -9.94 24.17 -1.08
N THR D 29 -10.69 23.35 -1.84
CA THR D 29 -11.02 22.00 -1.38
C THR D 29 -10.59 20.99 -2.44
N PRO D 30 -10.27 19.73 -2.06
CA PRO D 30 -9.88 18.72 -3.04
C PRO D 30 -10.91 18.65 -4.16
N LYS D 31 -12.16 18.34 -3.78
CA LYS D 31 -13.22 18.18 -4.75
C LYS D 31 -13.33 19.40 -5.66
N GLY D 32 -13.25 20.59 -5.08
CA GLY D 32 -13.30 21.83 -5.84
C GLY D 32 -12.19 21.92 -6.88
N VAL D 33 -10.96 21.66 -6.45
CA VAL D 33 -9.84 21.71 -7.37
C VAL D 33 -10.10 20.68 -8.47
N LEU D 34 -10.53 19.48 -8.05
CA LEU D 34 -10.76 18.38 -8.99
C LEU D 34 -11.63 18.86 -10.13
N LYS D 35 -12.80 19.42 -9.78
CA LYS D 35 -13.83 19.77 -10.73
C LYS D 35 -13.40 20.94 -11.61
N ILE D 36 -12.49 21.77 -11.14
CA ILE D 36 -12.05 22.89 -11.96
C ILE D 36 -11.04 22.41 -12.99
N MET D 37 -10.26 21.38 -12.66
CA MET D 37 -9.19 20.96 -13.53
C MET D 37 -9.78 20.11 -14.67
N LYS D 38 -10.77 19.29 -14.33
CA LYS D 38 -11.48 18.41 -15.25
C LYS D 38 -10.47 17.62 -16.09
N VAL D 39 -9.64 16.82 -15.42
CA VAL D 39 -8.59 16.10 -16.11
C VAL D 39 -8.88 14.62 -16.04
N GLU D 40 -8.97 13.99 -17.22
CA GLU D 40 -9.29 12.58 -17.38
C GLU D 40 -8.37 11.77 -16.48
N GLY D 41 -8.97 10.88 -15.67
CA GLY D 41 -8.21 9.92 -14.90
C GLY D 41 -7.66 10.46 -13.58
N LEU D 42 -7.85 11.75 -13.32
CA LEU D 42 -7.41 12.37 -12.08
C LEU D 42 -8.46 12.13 -11.01
N THR D 43 -8.06 11.48 -9.91
CA THR D 43 -8.97 11.19 -8.83
C THR D 43 -8.92 12.28 -7.75
N ILE D 44 -9.92 12.31 -6.88
CA ILE D 44 -9.92 13.20 -5.74
C ILE D 44 -8.70 12.93 -4.86
N TYR D 45 -8.32 11.64 -4.75
CA TYR D 45 -7.24 11.22 -3.87
C TYR D 45 -5.90 11.73 -4.38
N HIS D 46 -5.79 11.93 -5.68
CA HIS D 46 -4.60 12.53 -6.26
C HIS D 46 -4.47 13.96 -5.78
N VAL D 47 -5.56 14.70 -5.91
CA VAL D 47 -5.58 16.11 -5.59
C VAL D 47 -5.39 16.33 -4.08
N LYS D 48 -6.06 15.50 -3.28
CA LYS D 48 -6.04 15.62 -1.83
C LYS D 48 -4.59 15.62 -1.33
N SER D 49 -3.85 14.59 -1.72
CA SER D 49 -2.48 14.41 -1.26
C SER D 49 -1.62 15.59 -1.67
N HIS D 50 -1.80 16.05 -2.91
CA HIS D 50 -0.94 17.05 -3.49
C HIS D 50 -1.24 18.42 -2.88
N LEU D 51 -2.52 18.68 -2.62
CA LEU D 51 -2.91 19.93 -1.97
C LEU D 51 -2.31 19.97 -0.57
N GLN D 52 -2.17 18.79 0.06
CA GLN D 52 -1.64 18.72 1.40
C GLN D 52 -0.18 19.19 1.42
N LYS D 53 0.56 18.81 0.38
CA LYS D 53 1.94 19.22 0.22
C LYS D 53 1.98 20.71 -0.12
N TYR D 54 1.21 21.09 -1.14
CA TYR D 54 1.17 22.47 -1.59
C TYR D 54 0.89 23.40 -0.42
N ARG D 55 0.07 22.94 0.53
CA ARG D 55 -0.36 23.80 1.61
C ARG D 55 0.81 24.00 2.56
N THR D 56 1.62 22.97 2.76
CA THR D 56 2.68 23.06 3.75
C THR D 56 3.88 23.78 3.15
N ALA D 57 4.15 23.59 1.86
CA ALA D 57 5.30 24.25 1.25
C ALA D 57 4.99 25.69 0.85
N ARG D 58 3.84 26.21 1.28
CA ARG D 58 3.44 27.59 1.06
C ARG D 58 3.43 28.31 2.41
N TYR D 59 2.40 28.00 3.20
CA TYR D 59 2.04 28.59 4.49
C TYR D 59 2.26 27.56 5.61
N LYS F 2 -60.30 21.88 6.81
CA LYS F 2 -60.97 21.71 8.12
C LYS F 2 -59.94 21.64 9.24
N ALA F 3 -60.26 22.29 10.39
CA ALA F 3 -59.48 22.15 11.62
C ALA F 3 -59.82 20.83 12.29
N ARG F 4 -58.91 20.37 13.14
CA ARG F 4 -59.03 19.07 13.77
C ARG F 4 -59.29 19.25 15.25
N MET F 5 -60.37 18.65 15.73
CA MET F 5 -60.82 18.79 17.11
C MET F 5 -59.85 18.04 18.03
N ARG F 6 -59.60 18.58 19.22
CA ARG F 6 -58.84 17.86 20.23
C ARG F 6 -59.72 17.72 21.47
N TRP F 7 -60.00 16.48 21.87
CA TRP F 7 -60.80 16.18 23.05
C TRP F 7 -59.95 16.32 24.32
N THR F 8 -59.68 17.58 24.70
CA THR F 8 -59.03 17.93 25.95
C THR F 8 -59.83 17.36 27.14
N PRO F 9 -59.17 17.03 28.26
CA PRO F 9 -59.85 16.35 29.38
C PRO F 9 -61.04 17.10 29.99
N GLU F 10 -61.18 18.40 29.64
CA GLU F 10 -62.31 19.19 30.09
C GLU F 10 -63.49 18.90 29.17
N LEU F 11 -63.30 19.17 27.88
CA LEU F 11 -64.26 18.83 26.83
C LEU F 11 -64.79 17.42 27.03
N HIS F 12 -63.92 16.46 27.35
CA HIS F 12 -64.34 15.10 27.56
C HIS F 12 -65.22 14.99 28.80
N GLU F 13 -64.90 15.79 29.83
CA GLU F 13 -65.65 15.70 31.06
C GLU F 13 -67.04 16.28 30.84
N ALA F 14 -67.11 17.31 29.97
CA ALA F 14 -68.38 17.89 29.56
C ALA F 14 -69.23 16.84 28.87
N PHE F 15 -68.64 16.25 27.82
CA PHE F 15 -69.18 15.16 27.03
C PHE F 15 -69.74 14.04 27.90
N VAL F 16 -69.04 13.72 29.00
CA VAL F 16 -69.47 12.60 29.82
C VAL F 16 -70.71 12.98 30.62
N GLU F 17 -70.61 14.08 31.38
CA GLU F 17 -71.73 14.63 32.12
C GLU F 17 -72.96 14.67 31.21
N ALA F 18 -72.79 15.17 29.99
CA ALA F 18 -73.85 15.22 29.00
C ALA F 18 -74.49 13.85 28.80
N VAL F 19 -73.65 12.87 28.48
CA VAL F 19 -74.07 11.52 28.19
C VAL F 19 -74.79 10.93 29.41
N ASN F 20 -74.32 11.29 30.61
CA ASN F 20 -74.95 10.81 31.83
C ASN F 20 -76.35 11.41 31.97
N SER F 21 -76.46 12.73 31.79
CA SER F 21 -77.74 13.41 31.83
C SER F 21 -78.71 12.68 30.91
N LEU F 22 -78.21 12.30 29.73
CA LEU F 22 -79.05 11.64 28.76
C LEU F 22 -79.35 10.19 29.15
N GLY F 23 -78.76 9.73 30.27
CA GLY F 23 -79.03 8.39 30.79
C GLY F 23 -78.17 7.29 30.15
N GLY F 24 -76.85 7.51 30.11
CA GLY F 24 -75.91 6.48 29.68
C GLY F 24 -75.62 6.52 28.18
N SER F 25 -74.49 5.91 27.79
CA SER F 25 -73.96 5.96 26.45
C SER F 25 -74.90 5.34 25.42
N GLU F 26 -75.65 4.32 25.84
CA GLU F 26 -76.46 3.60 24.87
C GLU F 26 -77.67 4.43 24.50
N ARG F 27 -78.26 5.06 25.51
CA ARG F 27 -79.46 5.87 25.36
C ARG F 27 -79.16 7.15 24.60
N ALA F 28 -77.99 7.74 24.87
CA ALA F 28 -77.61 9.08 24.40
C ALA F 28 -77.49 9.11 22.88
N THR F 29 -77.66 10.28 22.30
CA THR F 29 -77.57 10.47 20.86
C THR F 29 -76.59 11.61 20.57
N PRO F 30 -75.95 11.62 19.39
CA PRO F 30 -75.04 12.70 19.02
C PRO F 30 -75.71 14.04 19.21
N LYS F 31 -76.83 14.24 18.51
CA LYS F 31 -77.53 15.52 18.54
C LYS F 31 -77.85 15.94 19.98
N GLY F 32 -78.33 14.97 20.78
CA GLY F 32 -78.63 15.24 22.17
C GLY F 32 -77.42 15.75 22.95
N VAL F 33 -76.31 15.01 22.82
CA VAL F 33 -75.11 15.43 23.52
C VAL F 33 -74.73 16.81 23.05
N LEU F 34 -74.80 17.03 21.73
CA LEU F 34 -74.41 18.30 21.13
C LEU F 34 -75.11 19.44 21.85
N LYS F 35 -76.44 19.34 21.93
CA LYS F 35 -77.29 20.42 22.43
C LYS F 35 -77.07 20.65 23.93
N ILE F 36 -76.65 19.60 24.65
CA ILE F 36 -76.44 19.77 26.07
C ILE F 36 -75.10 20.43 26.34
N MET F 37 -74.12 20.23 25.46
CA MET F 37 -72.78 20.74 25.71
C MET F 37 -72.74 22.23 25.37
N LYS F 38 -73.44 22.59 24.29
CA LYS F 38 -73.52 23.95 23.79
C LYS F 38 -72.13 24.56 23.68
N VAL F 39 -71.28 23.94 22.85
CA VAL F 39 -69.91 24.43 22.73
C VAL F 39 -69.72 24.97 21.32
N GLU F 40 -69.34 26.25 21.24
CA GLU F 40 -69.22 26.97 19.99
C GLU F 40 -68.26 26.19 19.10
N GLY F 41 -68.68 25.96 17.84
CA GLY F 41 -67.81 25.38 16.84
C GLY F 41 -67.75 23.84 16.88
N LEU F 42 -68.43 23.24 17.87
CA LEU F 42 -68.52 21.78 17.95
C LEU F 42 -69.65 21.30 17.04
N THR F 43 -69.33 20.43 16.09
CA THR F 43 -70.31 19.91 15.16
C THR F 43 -70.88 18.58 15.67
N ILE F 44 -72.00 18.16 15.09
CA ILE F 44 -72.59 16.86 15.39
C ILE F 44 -71.57 15.75 15.05
N TYR F 45 -70.82 15.95 13.96
CA TYR F 45 -69.89 14.95 13.45
C TYR F 45 -68.72 14.75 14.41
N HIS F 46 -68.39 15.79 15.17
CA HIS F 46 -67.37 15.67 16.19
C HIS F 46 -67.87 14.72 17.28
N VAL F 47 -69.09 14.97 17.73
CA VAL F 47 -69.66 14.21 18.83
C VAL F 47 -69.91 12.76 18.42
N LYS F 48 -70.41 12.56 17.21
CA LYS F 48 -70.75 11.24 16.71
C LYS F 48 -69.56 10.31 16.83
N SER F 49 -68.43 10.72 16.26
CA SER F 49 -67.24 9.91 16.21
C SER F 49 -66.76 9.57 17.62
N HIS F 50 -66.81 10.56 18.50
CA HIS F 50 -66.24 10.43 19.83
C HIS F 50 -67.12 9.54 20.69
N LEU F 51 -68.45 9.69 20.53
CA LEU F 51 -69.38 8.83 21.25
C LEU F 51 -69.16 7.38 20.82
N GLN F 52 -68.78 7.18 19.55
CA GLN F 52 -68.59 5.83 19.04
C GLN F 52 -67.44 5.16 19.77
N LYS F 53 -66.38 5.93 20.05
CA LYS F 53 -65.24 5.43 20.80
C LYS F 53 -65.65 5.22 22.25
N TYR F 54 -66.26 6.26 22.85
CA TYR F 54 -66.67 6.19 24.24
C TYR F 54 -67.51 4.93 24.47
N ARG F 55 -68.32 4.57 23.48
CA ARG F 55 -69.26 3.49 23.66
C ARG F 55 -68.51 2.17 23.69
N THR F 56 -67.44 2.07 22.88
CA THR F 56 -66.76 0.79 22.77
C THR F 56 -65.78 0.64 23.94
N ALA F 57 -65.17 1.74 24.39
CA ALA F 57 -64.22 1.62 25.49
C ALA F 57 -64.91 1.60 26.86
N ARG F 58 -66.23 1.44 26.85
CA ARG F 58 -67.03 1.33 28.07
C ARG F 58 -67.62 -0.08 28.18
N TYR F 59 -68.83 -0.30 27.62
CA TYR F 59 -69.55 -1.57 27.70
C TYR F 59 -69.53 -2.25 26.32
N LYS H 2 54.53 -23.16 0.73
CA LYS H 2 54.48 -23.08 -0.76
C LYS H 2 55.31 -24.22 -1.36
N ALA H 3 54.64 -25.29 -1.83
CA ALA H 3 55.31 -26.44 -2.46
C ALA H 3 55.59 -26.10 -3.93
N ARG H 4 56.47 -26.88 -4.56
CA ARG H 4 56.78 -26.69 -5.96
C ARG H 4 56.22 -27.84 -6.76
N MET H 5 55.36 -27.53 -7.75
CA MET H 5 54.68 -28.55 -8.52
C MET H 5 55.67 -29.16 -9.50
N ARG H 6 55.51 -30.44 -9.85
CA ARG H 6 56.25 -31.02 -10.95
C ARG H 6 55.28 -31.49 -12.04
N TRP H 7 55.48 -30.99 -13.26
CA TRP H 7 54.68 -31.39 -14.40
C TRP H 7 55.13 -32.75 -14.96
N THR H 8 54.77 -33.82 -14.22
CA THR H 8 54.99 -35.19 -14.61
C THR H 8 54.33 -35.48 -15.96
N PRO H 9 54.86 -36.41 -16.77
CA PRO H 9 54.33 -36.66 -18.12
C PRO H 9 52.85 -37.03 -18.21
N GLU H 10 52.25 -37.39 -17.07
CA GLU H 10 50.83 -37.70 -17.02
C GLU H 10 50.04 -36.40 -16.92
N LEU H 11 50.33 -35.64 -15.86
CA LEU H 11 49.80 -34.30 -15.65
C LEU H 11 49.87 -33.47 -16.94
N HIS H 12 51.00 -33.56 -17.65
CA HIS H 12 51.16 -32.80 -18.87
C HIS H 12 50.22 -33.32 -19.94
N GLU H 13 50.01 -34.65 -19.95
CA GLU H 13 49.17 -35.23 -20.98
C GLU H 13 47.73 -34.82 -20.73
N ALA H 14 47.38 -34.70 -19.44
CA ALA H 14 46.07 -34.22 -19.04
C ALA H 14 45.85 -32.80 -19.56
N PHE H 15 46.79 -31.93 -19.14
CA PHE H 15 46.89 -30.54 -19.55
C PHE H 15 46.74 -30.38 -21.06
N VAL H 16 47.34 -31.27 -21.85
CA VAL H 16 47.31 -31.11 -23.28
C VAL H 16 45.92 -31.43 -23.82
N GLU H 17 45.43 -32.64 -23.52
CA GLU H 17 44.09 -33.05 -23.87
C GLU H 17 43.11 -31.93 -23.56
N ALA H 18 43.22 -31.36 -22.35
CA ALA H 18 42.39 -30.25 -21.91
C ALA H 18 42.45 -29.10 -22.93
N VAL H 19 43.68 -28.65 -23.21
CA VAL H 19 43.93 -27.52 -24.08
C VAL H 19 43.38 -27.84 -25.49
N ASN H 20 43.46 -29.09 -25.91
CA ASN H 20 42.94 -29.48 -27.21
C ASN H 20 41.42 -29.37 -27.22
N SER H 21 40.78 -29.92 -26.20
CA SER H 21 39.33 -29.82 -26.06
C SER H 21 38.92 -28.37 -26.19
N LEU H 22 39.71 -27.50 -25.55
CA LEU H 22 39.40 -26.08 -25.55
C LEU H 22 39.74 -25.44 -26.91
N GLY H 23 40.27 -26.23 -27.85
CA GLY H 23 40.54 -25.76 -29.20
C GLY H 23 41.87 -25.04 -29.37
N GLY H 24 42.97 -25.64 -28.87
CA GLY H 24 44.30 -25.10 -29.05
C GLY H 24 44.73 -24.14 -27.94
N SER H 25 46.04 -23.96 -27.82
CA SER H 25 46.68 -23.19 -26.77
C SER H 25 46.24 -21.73 -26.75
N GLU H 26 45.97 -21.16 -27.93
CA GLU H 26 45.71 -19.73 -27.96
C GLU H 26 44.29 -19.48 -27.44
N ARG H 27 43.36 -20.35 -27.83
CA ARG H 27 41.96 -20.23 -27.48
C ARG H 27 41.75 -20.53 -26.00
N ALA H 28 42.50 -21.51 -25.47
CA ALA H 28 42.33 -22.03 -24.12
C ALA H 28 42.64 -20.97 -23.07
N THR H 29 42.06 -21.12 -21.88
CA THR H 29 42.28 -20.19 -20.78
C THR H 29 42.76 -20.97 -19.56
N PRO H 30 43.53 -20.33 -18.65
CA PRO H 30 43.99 -21.00 -17.44
C PRO H 30 42.81 -21.64 -16.71
N LYS H 31 41.84 -20.81 -16.32
CA LYS H 31 40.70 -21.29 -15.57
C LYS H 31 40.01 -22.45 -16.29
N GLY H 32 39.83 -22.33 -17.60
CA GLY H 32 39.23 -23.40 -18.39
C GLY H 32 40.00 -24.72 -18.29
N VAL H 33 41.31 -24.64 -18.48
CA VAL H 33 42.12 -25.84 -18.38
C VAL H 33 41.96 -26.40 -16.96
N LEU H 34 42.04 -25.50 -15.96
CA LEU H 34 41.96 -25.89 -14.57
C LEU H 34 40.75 -26.78 -14.34
N LYS H 35 39.58 -26.27 -14.76
CA LYS H 35 38.30 -26.90 -14.48
C LYS H 35 38.14 -28.22 -15.24
N ILE H 36 38.82 -28.36 -16.37
CA ILE H 36 38.70 -29.60 -17.11
C ILE H 36 39.58 -30.67 -16.47
N MET H 37 40.69 -30.29 -15.84
CA MET H 37 41.63 -31.26 -15.33
C MET H 37 41.11 -31.80 -13.99
N LYS H 38 40.50 -30.91 -13.20
CA LYS H 38 39.93 -31.23 -11.90
C LYS H 38 40.93 -32.02 -11.05
N VAL H 39 42.09 -31.43 -10.78
CA VAL H 39 43.12 -32.13 -10.05
C VAL H 39 43.32 -31.47 -8.70
N GLU H 40 43.15 -32.28 -7.64
CA GLU H 40 43.22 -31.83 -6.25
C GLU H 40 44.53 -31.05 -6.06
N GLY H 41 44.42 -29.85 -5.51
CA GLY H 41 45.61 -29.08 -5.11
C GLY H 41 46.27 -28.31 -6.25
N LEU H 42 45.76 -28.46 -7.46
CA LEU H 42 46.25 -27.70 -8.61
C LEU H 42 45.59 -26.32 -8.62
N THR H 43 46.39 -25.26 -8.56
CA THR H 43 45.87 -23.91 -8.55
C THR H 43 45.82 -23.34 -9.97
N ILE H 44 45.08 -22.24 -10.14
CA ILE H 44 45.07 -21.52 -11.40
C ILE H 44 46.49 -21.06 -11.76
N TYR H 45 47.25 -20.65 -10.74
CA TYR H 45 48.59 -20.09 -10.94
C TYR H 45 49.56 -21.15 -11.45
N HIS H 46 49.31 -22.40 -11.12
CA HIS H 46 50.10 -23.50 -11.66
C HIS H 46 49.87 -23.58 -13.16
N VAL H 47 48.59 -23.59 -13.55
CA VAL H 47 48.20 -23.77 -14.93
C VAL H 47 48.64 -22.58 -15.77
N LYS H 48 48.47 -21.37 -15.22
CA LYS H 48 48.76 -20.14 -15.94
C LYS H 48 50.20 -20.16 -16.43
N SER H 49 51.13 -20.40 -15.52
CA SER H 49 52.55 -20.36 -15.83
C SER H 49 52.89 -21.40 -16.89
N HIS H 50 52.31 -22.59 -16.76
CA HIS H 50 52.66 -23.72 -17.61
C HIS H 50 52.08 -23.52 -19.01
N LEU H 51 50.86 -22.98 -19.08
CA LEU H 51 50.25 -22.68 -20.37
C LEU H 51 51.11 -21.64 -21.10
N GLN H 52 51.73 -20.73 -20.33
CA GLN H 52 52.53 -19.68 -20.92
C GLN H 52 53.73 -20.28 -21.64
N LYS H 53 54.31 -21.33 -21.04
CA LYS H 53 55.43 -22.04 -21.62
C LYS H 53 54.94 -22.84 -22.81
N TYR H 54 53.89 -23.62 -22.60
CA TYR H 54 53.32 -24.45 -23.64
C TYR H 54 53.03 -23.62 -24.89
N ARG H 55 52.62 -22.37 -24.68
CA ARG H 55 52.21 -21.54 -25.79
C ARG H 55 53.43 -21.14 -26.60
N THR H 56 54.55 -20.88 -25.91
CA THR H 56 55.72 -20.36 -26.61
C THR H 56 56.48 -21.51 -27.24
N ALA H 57 56.51 -22.69 -26.59
CA ALA H 57 57.27 -23.80 -27.13
C ALA H 57 56.45 -24.59 -28.13
N ARG H 58 55.35 -23.98 -28.63
CA ARG H 58 54.54 -24.53 -29.70
C ARG H 58 54.85 -23.75 -30.99
N TYR H 59 54.62 -22.43 -30.98
CA TYR H 59 55.08 -21.55 -32.06
C TYR H 59 56.34 -20.77 -31.62
N ALA J 3 65.58 -4.20 -6.37
CA ALA J 3 64.73 -3.60 -7.42
C ALA J 3 64.26 -4.71 -8.36
N ARG J 4 63.28 -4.39 -9.19
CA ARG J 4 62.85 -5.26 -10.27
C ARG J 4 63.28 -4.63 -11.59
N MET J 5 64.03 -5.40 -12.38
CA MET J 5 64.64 -4.89 -13.61
C MET J 5 63.56 -4.69 -14.67
N ARG J 6 63.69 -3.65 -15.50
CA ARG J 6 62.80 -3.46 -16.63
C ARG J 6 63.63 -3.42 -17.90
N TRP J 7 63.36 -4.36 -18.83
CA TRP J 7 64.07 -4.45 -20.09
C TRP J 7 63.51 -3.41 -21.08
N THR J 8 63.88 -2.15 -20.86
CA THR J 8 63.60 -1.05 -21.77
C THR J 8 64.17 -1.34 -23.16
N PRO J 9 63.57 -0.81 -24.25
CA PRO J 9 63.99 -1.16 -25.61
C PRO J 9 65.44 -0.85 -25.95
N GLU J 10 66.10 -0.06 -25.10
CA GLU J 10 67.51 0.28 -25.27
C GLU J 10 68.34 -0.87 -24.72
N LEU J 11 68.14 -1.13 -23.41
CA LEU J 11 68.74 -2.26 -22.72
C LEU J 11 68.62 -3.54 -23.55
N HIS J 12 67.45 -3.76 -24.17
CA HIS J 12 67.25 -4.95 -24.98
C HIS J 12 68.12 -4.88 -26.23
N GLU J 13 68.28 -3.68 -26.78
CA GLU J 13 69.06 -3.54 -28.01
C GLU J 13 70.52 -3.81 -27.70
N ALA J 14 70.95 -3.40 -26.49
CA ALA J 14 72.28 -3.68 -25.99
C ALA J 14 72.51 -5.18 -25.92
N PHE J 15 71.62 -5.83 -25.16
CA PHE J 15 71.53 -7.25 -24.96
C PHE J 15 71.62 -8.02 -26.28
N VAL J 16 70.97 -7.50 -27.33
CA VAL J 16 70.94 -8.23 -28.59
C VAL J 16 72.29 -8.14 -29.27
N GLU J 17 72.76 -6.91 -29.50
CA GLU J 17 74.08 -6.66 -30.04
C GLU J 17 75.11 -7.56 -29.35
N ALA J 18 75.05 -7.61 -28.01
CA ALA J 18 75.93 -8.44 -27.21
C ALA J 18 75.86 -9.90 -27.67
N VAL J 19 74.64 -10.44 -27.70
CA VAL J 19 74.39 -11.82 -28.06
C VAL J 19 74.89 -12.09 -29.48
N ASN J 20 74.75 -11.09 -30.36
CA ASN J 20 75.22 -11.24 -31.73
C ASN J 20 76.74 -11.33 -31.75
N SER J 21 77.41 -10.42 -31.06
CA SER J 21 78.86 -10.43 -30.95
C SER J 21 79.30 -11.82 -30.52
N LEU J 22 78.57 -12.40 -29.56
CA LEU J 22 78.92 -13.70 -29.05
C LEU J 22 78.58 -14.81 -30.03
N GLY J 23 77.96 -14.45 -31.17
CA GLY J 23 77.66 -15.41 -32.22
C GLY J 23 76.35 -16.17 -32.02
N GLY J 24 75.26 -15.43 -31.76
CA GLY J 24 73.93 -16.01 -31.68
C GLY J 24 73.54 -16.46 -30.28
N SER J 25 72.24 -16.59 -30.07
CA SER J 25 71.63 -16.88 -28.76
C SER J 25 72.09 -18.22 -28.20
N GLU J 26 72.34 -19.19 -29.07
CA GLU J 26 72.62 -20.52 -28.56
C GLU J 26 74.04 -20.57 -28.02
N ARG J 27 74.95 -19.92 -28.75
CA ARG J 27 76.37 -19.88 -28.42
C ARG J 27 76.60 -19.04 -27.17
N ALA J 28 75.86 -17.92 -27.04
CA ALA J 28 76.09 -16.90 -26.02
C ALA J 28 75.83 -17.46 -24.62
N THR J 29 76.47 -16.85 -23.62
CA THR J 29 76.28 -17.25 -22.24
C THR J 29 75.88 -16.05 -21.40
N PRO J 30 75.17 -16.25 -20.27
CA PRO J 30 74.82 -15.15 -19.40
C PRO J 30 76.04 -14.30 -19.06
N LYS J 31 77.05 -14.93 -18.45
CA LYS J 31 78.23 -14.21 -18.02
C LYS J 31 78.86 -13.42 -19.19
N GLY J 32 78.94 -14.07 -20.35
CA GLY J 32 79.47 -13.42 -21.54
C GLY J 32 78.70 -12.14 -21.91
N VAL J 33 77.37 -12.28 -21.98
CA VAL J 33 76.56 -11.13 -22.32
C VAL J 33 76.79 -10.06 -21.27
N LEU J 34 76.81 -10.48 -19.99
CA LEU J 34 76.96 -9.55 -18.88
C LEU J 34 78.15 -8.65 -19.13
N LYS J 35 79.32 -9.28 -19.37
CA LYS J 35 80.59 -8.60 -19.47
C LYS J 35 80.65 -7.69 -20.70
N ILE J 36 79.90 -8.02 -21.74
CA ILE J 36 79.94 -7.21 -22.93
C ILE J 36 79.05 -5.97 -22.75
N MET J 37 78.00 -6.08 -21.95
CA MET J 37 77.06 -4.98 -21.82
C MET J 37 77.64 -3.92 -20.89
N LYS J 38 78.33 -4.40 -19.84
CA LYS J 38 78.94 -3.57 -18.81
C LYS J 38 77.95 -2.51 -18.32
N VAL J 39 76.83 -2.96 -17.76
CA VAL J 39 75.81 -2.03 -17.31
C VAL J 39 75.72 -2.10 -15.79
N GLU J 40 75.91 -0.93 -15.15
CA GLU J 40 75.99 -0.82 -13.71
C GLU J 40 74.72 -1.42 -13.12
N GLY J 41 74.89 -2.31 -12.13
CA GLY J 41 73.77 -2.82 -11.36
C GLY J 41 73.04 -3.99 -12.03
N LEU J 42 73.47 -4.37 -13.24
CA LEU J 42 72.93 -5.53 -13.93
C LEU J 42 73.63 -6.79 -13.42
N THR J 43 72.85 -7.73 -12.90
CA THR J 43 73.39 -8.97 -12.38
C THR J 43 73.37 -10.05 -13.46
N ILE J 44 74.13 -11.13 -13.23
CA ILE J 44 74.10 -12.31 -14.10
C ILE J 44 72.68 -12.87 -14.15
N TYR J 45 71.98 -12.84 -13.01
CA TYR J 45 70.66 -13.44 -12.87
C TYR J 45 69.63 -12.68 -13.70
N HIS J 46 69.87 -11.39 -13.91
CA HIS J 46 69.02 -10.61 -14.80
C HIS J 46 69.15 -11.13 -16.22
N VAL J 47 70.40 -11.28 -16.64
CA VAL J 47 70.69 -11.67 -18.02
C VAL J 47 70.22 -13.11 -18.27
N LYS J 48 70.46 -14.00 -17.32
CA LYS J 48 70.13 -15.40 -17.44
C LYS J 48 68.68 -15.58 -17.83
N SER J 49 67.79 -14.98 -17.02
CA SER J 49 66.36 -15.12 -17.20
C SER J 49 65.94 -14.60 -18.57
N HIS J 50 66.50 -13.45 -18.95
CA HIS J 50 66.08 -12.76 -20.14
C HIS J 50 66.57 -13.49 -21.38
N LEU J 51 67.79 -14.03 -21.32
CA LEU J 51 68.31 -14.80 -22.42
C LEU J 51 67.44 -16.04 -22.62
N GLN J 52 66.89 -16.57 -21.53
CA GLN J 52 66.06 -17.76 -21.61
C GLN J 52 64.81 -17.48 -22.44
N LYS J 53 64.25 -16.28 -22.25
CA LYS J 53 63.08 -15.84 -22.99
C LYS J 53 63.50 -15.57 -24.43
N TYR J 54 64.57 -14.77 -24.60
CA TYR J 54 65.04 -14.42 -25.94
C TYR J 54 65.25 -15.69 -26.76
N ARG J 55 65.70 -16.76 -26.11
CA ARG J 55 66.06 -17.95 -26.84
C ARG J 55 64.80 -18.62 -27.34
N THR J 56 63.73 -18.59 -26.54
CA THR J 56 62.54 -19.32 -26.91
C THR J 56 61.72 -18.50 -27.91
N ALA J 57 61.70 -17.17 -27.74
CA ALA J 57 60.87 -16.36 -28.61
C ALA J 57 61.61 -16.00 -29.91
N ARG J 58 62.71 -16.73 -30.18
CA ARG J 58 63.40 -16.48 -31.45
C ARG J 58 62.54 -16.95 -32.61
N TYR J 59 61.31 -17.40 -32.28
CA TYR J 59 60.32 -17.98 -33.18
C TYR J 59 58.91 -17.52 -32.75
N ARG J 60 58.37 -16.52 -33.47
CA ARG J 60 57.04 -15.96 -33.22
C ARG J 60 56.92 -15.53 -31.76
#